data_6LBL
#
_entry.id   6LBL
#
_cell.length_a   35.920
_cell.length_b   56.610
_cell.length_c   100.620
_cell.angle_alpha   90.000
_cell.angle_beta   90.000
_cell.angle_gamma   90.000
#
_symmetry.space_group_name_H-M   'P 21 21 21'
#
loop_
_entity.id
_entity.type
_entity.pdbx_description
1 polymer 'Metallo-beta-lactamase type 2'
2 non-polymer 'ZINC ION'
3 non-polymer 'SODIUM ION'
4 non-polymer '2,5-dimethyl-4-sulfamoyl-furan-3-carboxylic acid'
5 water water
#
_entity_poly.entity_id   1
_entity_poly.type   'polypeptide(L)'
_entity_poly.pdbx_seq_one_letter_code
;AESLPDLKIEKLDEGVYVHTSFEEVNGWGVVPKHGLVVLVNAEAYLIDTPFTAKDTEKLVTWFVERGYKIKGSISSHFHS
DSTGGIEWLNSRSIPTYASELTNELLKKDGKVQATNSFSGVNYWLVKNKIEVFYPGPGHTPDNVVVWLPERKILFGGCFI
KPYGLGNLGDANIEAWPKSAKLLKSKYGKAKLVVPSHSEVGDASLLKLTLEQAVKGLNESKKPSKPSN
;
_entity_poly.pdbx_strand_id   A
#
# COMPACT_ATOMS: atom_id res chain seq x y z
N SER A 3 -20.34 3.66 13.13
CA SER A 3 -20.62 5.08 12.76
C SER A 3 -19.69 5.54 11.62
N LEU A 4 -18.65 4.77 11.30
CA LEU A 4 -17.68 5.08 10.20
C LEU A 4 -18.33 4.76 8.86
N PRO A 5 -17.92 5.44 7.77
CA PRO A 5 -18.36 5.01 6.44
C PRO A 5 -18.08 3.52 6.25
N ASP A 6 -18.99 2.83 5.56
CA ASP A 6 -18.88 1.39 5.24
C ASP A 6 -17.67 1.19 4.31
N LEU A 7 -16.98 0.06 4.45
CA LEU A 7 -16.07 -0.47 3.41
C LEU A 7 -16.71 -0.28 2.03
N LYS A 8 -15.97 0.30 1.10
CA LYS A 8 -16.33 0.42 -0.34
C LYS A 8 -15.47 -0.53 -1.16
N ILE A 9 -16.07 -1.17 -2.16
CA ILE A 9 -15.36 -1.94 -3.22
C ILE A 9 -15.83 -1.40 -4.57
N GLU A 10 -14.92 -0.84 -5.35
CA GLU A 10 -15.23 -0.18 -6.63
C GLU A 10 -14.28 -0.72 -7.70
N LYS A 11 -14.81 -1.15 -8.83
CA LYS A 11 -13.97 -1.60 -9.96
C LYS A 11 -13.20 -0.38 -10.48
N LEU A 12 -11.88 -0.55 -10.63
CA LEU A 12 -10.98 0.51 -11.12
C LEU A 12 -10.64 0.21 -12.58
N ASP A 13 -10.42 -1.06 -12.92
CA ASP A 13 -10.01 -1.49 -14.27
C ASP A 13 -10.33 -2.97 -14.38
N GLU A 14 -10.18 -3.56 -15.57
CA GLU A 14 -10.27 -5.03 -15.76
C GLU A 14 -9.36 -5.73 -14.74
N GLY A 15 -9.96 -6.54 -13.87
CA GLY A 15 -9.24 -7.41 -12.92
C GLY A 15 -8.67 -6.62 -11.74
N VAL A 16 -9.08 -5.36 -11.57
CA VAL A 16 -8.53 -4.49 -10.48
C VAL A 16 -9.67 -3.73 -9.81
N TYR A 17 -9.82 -3.93 -8.49
CA TYR A 17 -10.79 -3.23 -7.63
C TYR A 17 -10.02 -2.38 -6.60
N VAL A 18 -10.55 -1.22 -6.27
CA VAL A 18 -10.09 -0.39 -5.12
C VAL A 18 -11.01 -0.71 -3.93
N HIS A 19 -10.42 -1.08 -2.80
CA HIS A 19 -11.17 -1.21 -1.52
C HIS A 19 -10.84 0.02 -0.70
N THR A 20 -11.87 0.64 -0.13
CA THR A 20 -11.70 1.86 0.71
C THR A 20 -12.29 1.58 2.07
N SER A 21 -11.45 1.62 3.11
CA SER A 21 -11.87 1.51 4.52
C SER A 21 -11.56 2.85 5.19
N PHE A 22 -12.11 3.07 6.37
CA PHE A 22 -12.19 4.42 7.00
C PHE A 22 -11.74 4.30 8.45
N GLU A 23 -10.93 5.26 8.89
CA GLU A 23 -10.62 5.43 10.33
C GLU A 23 -10.68 6.92 10.68
N GLU A 24 -11.07 7.23 11.92
CA GLU A 24 -10.86 8.59 12.51
C GLU A 24 -9.42 8.71 13.00
N VAL A 25 -8.72 9.73 12.51
CA VAL A 25 -7.32 10.04 12.90
C VAL A 25 -7.31 11.45 13.51
N ASN A 26 -6.95 11.54 14.80
CA ASN A 26 -6.90 12.82 15.53
C ASN A 26 -6.18 13.85 14.64
N GLY A 27 -6.85 14.96 14.31
CA GLY A 27 -6.24 16.06 13.55
C GLY A 27 -6.45 15.93 12.05
N TRP A 28 -6.52 14.70 11.53
CA TRP A 28 -6.63 14.41 10.08
C TRP A 28 -8.10 14.17 9.67
N GLY A 29 -9.02 13.97 10.63
CA GLY A 29 -10.46 13.78 10.35
C GLY A 29 -10.81 12.32 10.08
N VAL A 30 -11.74 12.07 9.17
CA VAL A 30 -12.14 10.70 8.75
C VAL A 30 -11.34 10.38 7.49
N VAL A 31 -10.35 9.50 7.62
CA VAL A 31 -9.31 9.27 6.59
C VAL A 31 -9.73 8.03 5.80
N PRO A 32 -9.94 8.13 4.47
CA PRO A 32 -10.11 6.95 3.63
C PRO A 32 -8.73 6.29 3.44
N LYS A 33 -8.70 4.96 3.41
CA LYS A 33 -7.51 4.17 3.02
C LYS A 33 -7.90 3.30 1.83
N HIS A 34 -7.25 3.56 0.69
CA HIS A 34 -7.38 2.75 -0.55
C HIS A 34 -6.36 1.63 -0.49
N GLY A 35 -6.83 0.41 -0.75
CA GLY A 35 -6.02 -0.73 -1.21
C GLY A 35 -6.57 -1.28 -2.50
N LEU A 36 -5.97 -2.32 -3.06
CA LEU A 36 -6.49 -2.99 -4.28
C LEU A 36 -6.89 -4.42 -3.96
N VAL A 37 -7.75 -4.97 -4.81
CA VAL A 37 -7.82 -6.43 -5.04
C VAL A 37 -7.51 -6.67 -6.51
N VAL A 38 -6.57 -7.55 -6.76
CA VAL A 38 -6.14 -7.88 -8.15
C VAL A 38 -6.57 -9.31 -8.44
N LEU A 39 -7.22 -9.51 -9.58
CA LEU A 39 -7.75 -10.83 -10.01
C LEU A 39 -6.84 -11.38 -11.11
N VAL A 40 -6.23 -12.53 -10.86
CA VAL A 40 -5.40 -13.27 -11.86
C VAL A 40 -6.03 -14.66 -12.05
N ASN A 41 -6.49 -14.92 -13.28
CA ASN A 41 -7.47 -16.00 -13.55
C ASN A 41 -8.67 -15.74 -12.62
N ALA A 42 -8.86 -16.68 -11.71
CA ALA A 42 -9.93 -16.68 -10.71
C ALA A 42 -9.31 -16.61 -9.31
N GLU A 43 -8.07 -16.15 -9.23
CA GLU A 43 -7.39 -15.93 -7.91
C GLU A 43 -7.42 -14.44 -7.57
N ALA A 44 -7.66 -14.09 -6.31
CA ALA A 44 -7.67 -12.69 -5.81
C ALA A 44 -6.47 -12.47 -4.88
N TYR A 45 -5.80 -11.32 -5.04
CA TYR A 45 -4.66 -10.89 -4.21
C TYR A 45 -5.08 -9.56 -3.58
N LEU A 46 -5.04 -9.48 -2.26
CA LEU A 46 -5.28 -8.22 -1.51
C LEU A 46 -3.98 -7.41 -1.56
N ILE A 47 -4.06 -6.19 -2.09
CA ILE A 47 -2.92 -5.22 -2.02
C ILE A 47 -3.26 -4.28 -0.87
N ASP A 48 -2.66 -4.56 0.29
CA ASP A 48 -2.98 -4.01 1.63
C ASP A 48 -4.30 -4.60 2.14
N THR A 49 -4.38 -4.76 3.46
CA THR A 49 -5.63 -5.09 4.14
C THR A 49 -6.30 -3.81 4.60
N PRO A 50 -7.64 -3.80 4.73
CA PRO A 50 -8.32 -2.78 5.52
C PRO A 50 -7.71 -2.64 6.92
N PHE A 51 -8.06 -1.54 7.61
CA PHE A 51 -7.68 -1.31 9.02
C PHE A 51 -8.01 -2.51 9.91
N THR A 52 -9.20 -3.11 9.75
CA THR A 52 -9.75 -4.05 10.75
C THR A 52 -9.87 -5.47 10.18
N ALA A 53 -9.86 -6.45 11.08
CA ALA A 53 -10.26 -7.84 10.83
C ALA A 53 -11.67 -7.87 10.22
N LYS A 54 -12.60 -7.08 10.77
CA LYS A 54 -14.01 -7.14 10.32
C LYS A 54 -14.10 -6.73 8.84
N ASP A 55 -13.43 -5.63 8.44
CA ASP A 55 -13.47 -5.13 7.05
C ASP A 55 -12.66 -6.05 6.12
N THR A 56 -11.58 -6.65 6.62
CA THR A 56 -10.78 -7.65 5.87
C THR A 56 -11.70 -8.85 5.57
N GLU A 57 -12.52 -9.26 6.55
CA GLU A 57 -13.46 -10.40 6.36
C GLU A 57 -14.53 -9.98 5.34
N LYS A 58 -15.08 -8.77 5.45
CA LYS A 58 -16.10 -8.28 4.50
C LYS A 58 -15.52 -8.27 3.08
N LEU A 59 -14.28 -7.77 2.95
CA LEU A 59 -13.58 -7.76 1.65
C LEU A 59 -13.44 -9.17 1.06
N VAL A 60 -12.87 -10.10 1.83
CA VAL A 60 -12.59 -11.50 1.41
C VAL A 60 -13.92 -12.14 0.98
N THR A 61 -14.95 -11.98 1.80
CA THR A 61 -16.27 -12.63 1.60
C THR A 61 -16.90 -12.11 0.31
N TRP A 62 -16.75 -10.81 0.04
CA TRP A 62 -17.29 -10.19 -1.19
C TRP A 62 -16.73 -10.92 -2.42
N PHE A 63 -15.43 -11.18 -2.43
CA PHE A 63 -14.75 -11.81 -3.59
C PHE A 63 -15.06 -13.31 -3.62
N VAL A 64 -15.09 -13.96 -2.46
CA VAL A 64 -15.28 -15.44 -2.39
C VAL A 64 -16.70 -15.76 -2.85
N GLU A 65 -17.67 -14.94 -2.46
CA GLU A 65 -19.09 -15.11 -2.86
C GLU A 65 -19.24 -15.06 -4.38
N ARG A 66 -18.40 -14.27 -5.07
CA ARG A 66 -18.40 -14.08 -6.54
C ARG A 66 -17.48 -15.09 -7.22
N GLY A 67 -16.88 -16.01 -6.46
CA GLY A 67 -16.21 -17.19 -7.01
C GLY A 67 -14.71 -17.03 -7.13
N TYR A 68 -14.11 -16.02 -6.49
CA TYR A 68 -12.65 -15.84 -6.50
C TYR A 68 -12.08 -16.51 -5.27
N LYS A 69 -10.90 -17.11 -5.44
CA LYS A 69 -10.13 -17.75 -4.34
C LYS A 69 -9.09 -16.75 -3.85
N ILE A 70 -9.09 -16.47 -2.55
CA ILE A 70 -8.09 -15.53 -1.98
C ILE A 70 -6.75 -16.25 -1.93
N LYS A 71 -5.80 -15.82 -2.74
CA LYS A 71 -4.49 -16.52 -2.84
C LYS A 71 -3.47 -15.88 -1.91
N GLY A 72 -3.67 -14.63 -1.51
CA GLY A 72 -2.66 -13.96 -0.68
C GLY A 72 -2.96 -12.49 -0.49
N SER A 73 -2.33 -11.92 0.52
CA SER A 73 -2.25 -10.46 0.72
C SER A 73 -0.78 -10.05 0.66
N ILE A 74 -0.51 -8.84 0.17
CA ILE A 74 0.79 -8.16 0.34
C ILE A 74 0.51 -6.84 1.05
N SER A 75 1.31 -6.53 2.06
CA SER A 75 1.19 -5.25 2.80
C SER A 75 2.32 -4.31 2.38
N SER A 76 1.98 -3.09 1.97
CA SER A 76 2.94 -2.11 1.40
C SER A 76 3.81 -1.49 2.48
N HIS A 77 3.40 -1.54 3.75
CA HIS A 77 4.24 -1.08 4.89
C HIS A 77 3.59 -1.54 6.19
N PHE A 78 4.26 -1.29 7.30
CA PHE A 78 3.93 -1.93 8.59
C PHE A 78 2.71 -1.27 9.23
N HIS A 79 2.36 -0.04 8.87
CA HIS A 79 1.26 0.68 9.59
C HIS A 79 -0.05 -0.10 9.43
N SER A 80 -0.95 0.03 10.40
CA SER A 80 -2.20 -0.74 10.49
C SER A 80 -3.14 -0.49 9.30
N ASP A 81 -3.00 0.61 8.54
CA ASP A 81 -3.81 0.86 7.32
C ASP A 81 -3.41 -0.10 6.19
N SER A 82 -2.26 -0.76 6.31
CA SER A 82 -1.81 -1.79 5.34
C SER A 82 -1.89 -3.22 5.90
N THR A 83 -1.89 -3.39 7.23
CA THR A 83 -1.57 -4.69 7.90
C THR A 83 -2.64 -5.11 8.91
N GLY A 84 -3.67 -4.28 9.16
CA GLY A 84 -4.63 -4.52 10.26
C GLY A 84 -5.29 -5.90 10.16
N GLY A 85 -5.46 -6.41 8.93
CA GLY A 85 -6.14 -7.70 8.69
C GLY A 85 -5.22 -8.93 8.62
N ILE A 86 -3.91 -8.80 8.76
CA ILE A 86 -2.98 -9.96 8.61
C ILE A 86 -3.34 -11.07 9.61
N GLU A 87 -3.62 -10.71 10.86
CA GLU A 87 -3.89 -11.75 11.89
C GLU A 87 -5.12 -12.56 11.46
N TRP A 88 -6.16 -11.87 11.00
CA TRP A 88 -7.42 -12.53 10.59
C TRP A 88 -7.13 -13.42 9.38
N LEU A 89 -6.39 -12.90 8.40
CA LEU A 89 -6.02 -13.72 7.20
C LEU A 89 -5.24 -14.97 7.66
N ASN A 90 -4.26 -14.80 8.55
CA ASN A 90 -3.43 -15.91 9.05
C ASN A 90 -4.37 -16.98 9.63
N SER A 91 -5.41 -16.55 10.34
CA SER A 91 -6.32 -17.44 11.10
C SER A 91 -7.14 -18.27 10.11
N ARG A 92 -7.28 -17.80 8.88
CA ARG A 92 -8.04 -18.46 7.80
C ARG A 92 -7.08 -19.20 6.87
N SER A 93 -5.79 -19.31 7.23
CA SER A 93 -4.75 -20.00 6.41
C SER A 93 -4.63 -19.35 5.03
N ILE A 94 -4.88 -18.05 4.94
CA ILE A 94 -4.61 -17.25 3.70
C ILE A 94 -3.18 -16.72 3.78
N PRO A 95 -2.30 -17.08 2.81
CA PRO A 95 -0.93 -16.59 2.78
C PRO A 95 -0.88 -15.07 2.88
N THR A 96 -0.10 -14.56 3.83
CA THR A 96 0.18 -13.11 3.98
C THR A 96 1.64 -12.84 3.64
N TYR A 97 1.89 -11.77 2.89
CA TYR A 97 3.25 -11.41 2.45
C TYR A 97 3.60 -10.01 2.95
N ALA A 98 4.85 -9.84 3.34
CA ALA A 98 5.47 -8.52 3.54
C ALA A 98 6.96 -8.68 3.34
N SER A 99 7.64 -7.58 3.06
CA SER A 99 9.12 -7.57 2.97
C SER A 99 9.72 -7.96 4.32
N GLU A 100 10.96 -8.45 4.31
CA GLU A 100 11.69 -8.69 5.58
C GLU A 100 11.67 -7.42 6.42
N LEU A 101 11.89 -6.23 5.84
CA LEU A 101 11.93 -4.98 6.65
C LEU A 101 10.55 -4.69 7.25
N THR A 102 9.47 -4.85 6.48
CA THR A 102 8.10 -4.63 7.02
C THR A 102 7.87 -5.61 8.19
N ASN A 103 8.26 -6.88 8.04
CA ASN A 103 8.03 -7.86 9.13
C ASN A 103 8.87 -7.48 10.35
N GLU A 104 10.09 -6.95 10.16
CA GLU A 104 10.90 -6.45 11.30
C GLU A 104 10.14 -5.32 12.01
N LEU A 105 9.60 -4.34 11.28
CA LEU A 105 8.92 -3.17 11.86
C LEU A 105 7.56 -3.58 12.46
N LEU A 106 6.88 -4.60 11.91
CA LEU A 106 5.69 -5.20 12.56
C LEU A 106 6.09 -5.75 13.93
N LYS A 107 7.17 -6.53 14.01
CA LYS A 107 7.60 -7.12 15.31
C LYS A 107 7.94 -5.99 16.28
N LYS A 108 8.67 -4.99 15.82
CA LYS A 108 9.07 -3.85 16.68
C LYS A 108 7.83 -3.14 17.24
N ASP A 109 6.76 -3.08 16.45
CA ASP A 109 5.49 -2.38 16.81
C ASP A 109 4.56 -3.30 17.60
N GLY A 110 4.98 -4.53 17.90
CA GLY A 110 4.17 -5.51 18.68
C GLY A 110 2.99 -6.03 17.89
N LYS A 111 3.15 -6.13 16.57
CA LYS A 111 2.07 -6.58 15.64
C LYS A 111 2.36 -8.00 15.13
N VAL A 112 1.27 -8.68 14.75
CA VAL A 112 1.32 -10.00 14.07
C VAL A 112 2.05 -9.84 12.73
N GLN A 113 2.98 -10.75 12.46
CA GLN A 113 3.79 -10.73 11.22
C GLN A 113 3.08 -11.43 10.07
N ALA A 114 3.43 -11.04 8.85
CA ALA A 114 3.11 -11.81 7.63
C ALA A 114 3.80 -13.17 7.70
N THR A 115 3.15 -14.22 7.20
CA THR A 115 3.68 -15.61 7.24
C THR A 115 4.78 -15.79 6.21
N ASN A 116 4.80 -14.97 5.16
CA ASN A 116 5.76 -15.08 4.05
C ASN A 116 6.49 -13.75 3.89
N SER A 117 7.78 -13.80 3.63
CA SER A 117 8.62 -12.58 3.51
CA SER A 117 8.60 -12.57 3.48
C SER A 117 9.49 -12.68 2.25
N PHE A 118 10.00 -11.56 1.81
CA PHE A 118 10.89 -11.47 0.63
C PHE A 118 11.91 -10.38 0.92
N SER A 119 13.09 -10.48 0.30
CA SER A 119 14.19 -9.50 0.46
CA SER A 119 14.21 -9.51 0.45
C SER A 119 14.51 -8.88 -0.90
N GLY A 120 15.37 -7.86 -0.90
CA GLY A 120 15.78 -7.18 -2.14
C GLY A 120 14.75 -6.17 -2.57
N VAL A 121 14.92 -5.61 -3.77
CA VAL A 121 14.33 -4.32 -4.22
C VAL A 121 13.12 -4.59 -5.13
N ASN A 122 13.18 -5.65 -5.93
CA ASN A 122 12.10 -6.05 -6.87
C ASN A 122 11.68 -7.47 -6.49
N TYR A 123 10.40 -7.73 -6.33
CA TYR A 123 9.87 -9.06 -5.96
C TYR A 123 8.59 -9.31 -6.75
N TRP A 124 8.51 -10.45 -7.44
CA TRP A 124 7.28 -10.85 -8.16
C TRP A 124 6.40 -11.66 -7.21
N LEU A 125 5.31 -11.07 -6.73
CA LEU A 125 4.27 -11.84 -6.01
C LEU A 125 3.60 -12.80 -7.00
N VAL A 126 3.29 -12.30 -8.20
CA VAL A 126 2.79 -13.15 -9.32
C VAL A 126 3.58 -12.76 -10.57
N LYS A 127 4.29 -13.71 -11.15
CA LYS A 127 5.12 -13.48 -12.36
C LYS A 127 4.27 -12.75 -13.42
N ASN A 128 4.78 -11.64 -13.94
CA ASN A 128 4.21 -10.85 -15.06
C ASN A 128 2.90 -10.14 -14.67
N LYS A 129 2.48 -10.15 -13.39
CA LYS A 129 1.15 -9.61 -13.00
C LYS A 129 1.23 -8.65 -11.80
N ILE A 130 1.96 -9.05 -10.77
CA ILE A 130 2.01 -8.26 -9.50
C ILE A 130 3.46 -8.17 -9.04
N GLU A 131 4.03 -6.98 -9.13
CA GLU A 131 5.44 -6.72 -8.79
C GLU A 131 5.49 -5.79 -7.57
N VAL A 132 6.36 -6.11 -6.63
CA VAL A 132 6.67 -5.25 -5.45
C VAL A 132 8.00 -4.57 -5.70
N PHE A 133 8.03 -3.26 -5.53
CA PHE A 133 9.26 -2.46 -5.70
C PHE A 133 9.48 -1.63 -4.44
N TYR A 134 10.71 -1.69 -3.91
CA TYR A 134 11.17 -0.81 -2.80
C TYR A 134 11.93 0.40 -3.34
N PRO A 135 11.36 1.63 -3.29
CA PRO A 135 12.02 2.84 -3.79
C PRO A 135 13.08 3.44 -2.87
N GLY A 136 13.13 2.93 -1.63
CA GLY A 136 13.91 3.46 -0.51
C GLY A 136 12.98 4.08 0.52
N PRO A 137 13.55 4.48 1.68
CA PRO A 137 12.75 5.02 2.78
C PRO A 137 12.00 6.31 2.40
N GLY A 138 10.85 6.54 3.02
CA GLY A 138 10.12 7.80 2.82
C GLY A 138 9.11 8.00 3.92
N HIS A 139 7.85 7.70 3.62
CA HIS A 139 6.73 7.71 4.60
C HIS A 139 7.10 6.84 5.79
N THR A 140 7.67 5.66 5.54
CA THR A 140 8.30 4.76 6.53
C THR A 140 9.57 4.17 5.94
N PRO A 141 10.45 3.55 6.76
CA PRO A 141 11.67 2.93 6.25
C PRO A 141 11.41 1.80 5.26
N ASP A 142 10.26 1.13 5.41
CA ASP A 142 9.96 -0.16 4.74
C ASP A 142 9.03 0.01 3.53
N ASN A 143 8.55 1.21 3.25
CA ASN A 143 7.42 1.40 2.30
C ASN A 143 7.79 0.82 0.93
N VAL A 144 6.90 0.00 0.39
CA VAL A 144 7.02 -0.53 -1.00
C VAL A 144 5.82 -0.10 -1.81
N VAL A 145 5.97 -0.15 -3.13
CA VAL A 145 4.87 0.10 -4.08
C VAL A 145 4.57 -1.20 -4.82
N VAL A 146 3.36 -1.28 -5.35
CA VAL A 146 2.96 -2.51 -6.10
C VAL A 146 2.59 -2.13 -7.52
N TRP A 147 3.24 -2.80 -8.47
CA TRP A 147 3.12 -2.47 -9.91
C TRP A 147 2.36 -3.60 -10.61
N LEU A 148 1.36 -3.24 -11.42
CA LEU A 148 0.56 -4.20 -12.24
C LEU A 148 0.89 -3.92 -13.71
N PRO A 149 1.87 -4.68 -14.28
CA PRO A 149 2.40 -4.40 -15.61
C PRO A 149 1.34 -4.36 -16.71
N GLU A 150 0.31 -5.20 -16.63
CA GLU A 150 -0.70 -5.33 -17.72
C GLU A 150 -1.55 -4.06 -17.86
N ARG A 151 -1.99 -3.45 -16.76
CA ARG A 151 -2.90 -2.28 -16.80
C ARG A 151 -2.11 -1.00 -16.52
N LYS A 152 -0.80 -1.12 -16.29
CA LYS A 152 0.08 0.03 -15.95
C LYS A 152 -0.50 0.75 -14.73
N ILE A 153 -0.86 0.00 -13.69
CA ILE A 153 -1.40 0.58 -12.42
C ILE A 153 -0.31 0.46 -11.34
N LEU A 154 0.00 1.59 -10.70
CA LEU A 154 0.93 1.66 -9.55
C LEU A 154 0.10 1.90 -8.30
N PHE A 155 0.13 0.97 -7.36
CA PHE A 155 -0.35 1.23 -5.99
C PHE A 155 0.80 1.84 -5.21
N GLY A 156 0.67 3.13 -4.88
CA GLY A 156 1.71 3.93 -4.22
C GLY A 156 1.68 3.77 -2.70
N GLY A 157 0.57 3.29 -2.16
CA GLY A 157 0.34 3.29 -0.71
C GLY A 157 0.62 4.65 -0.08
N CYS A 158 1.22 4.66 1.10
CA CYS A 158 1.35 5.91 1.88
C CYS A 158 2.61 6.66 1.48
N PHE A 159 3.36 6.14 0.50
CA PHE A 159 4.52 6.85 -0.09
C PHE A 159 4.03 7.98 -1.02
N ILE A 160 2.93 7.75 -1.75
CA ILE A 160 2.41 8.75 -2.72
C ILE A 160 1.56 9.76 -1.95
N LYS A 161 2.08 10.98 -1.91
CA LYS A 161 1.54 12.07 -1.06
C LYS A 161 1.61 13.37 -1.83
N PRO A 162 0.68 13.58 -2.79
CA PRO A 162 0.83 14.65 -3.77
C PRO A 162 0.68 16.08 -3.24
N TYR A 163 0.00 16.25 -2.11
CA TYR A 163 -0.44 17.59 -1.62
C TYR A 163 0.07 17.86 -0.20
N GLY A 164 0.63 16.83 0.45
CA GLY A 164 1.14 16.92 1.82
C GLY A 164 1.52 15.55 2.32
N LEU A 165 2.48 15.45 3.21
CA LEU A 165 3.12 14.16 3.54
C LEU A 165 2.30 13.36 4.56
N GLY A 166 1.30 13.96 5.21
CA GLY A 166 0.52 13.26 6.26
C GLY A 166 1.38 12.92 7.47
N ASN A 167 1.21 11.74 8.05
CA ASN A 167 1.80 11.37 9.36
C ASN A 167 3.30 11.19 9.22
N LEU A 168 4.09 12.07 9.83
CA LEU A 168 5.57 12.05 9.68
C LEU A 168 6.24 11.25 10.80
N GLY A 169 5.45 10.64 11.69
CA GLY A 169 5.95 9.98 12.91
C GLY A 169 7.03 8.94 12.67
N ASP A 170 6.94 8.18 11.58
CA ASP A 170 7.88 7.07 11.25
C ASP A 170 8.63 7.37 9.94
N ALA A 171 8.56 8.61 9.45
CA ALA A 171 9.12 8.97 8.14
C ALA A 171 10.65 9.07 8.25
N ASN A 172 11.31 8.83 7.13
CA ASN A 172 12.73 9.18 6.87
C ASN A 172 12.74 10.37 5.91
N ILE A 173 12.60 11.57 6.45
CA ILE A 173 12.43 12.80 5.65
C ILE A 173 13.73 13.10 4.90
N GLU A 174 14.89 12.67 5.41
CA GLU A 174 16.19 12.92 4.75
C GLU A 174 16.28 12.10 3.45
N ALA A 175 15.72 10.89 3.43
CA ALA A 175 15.84 9.95 2.30
C ALA A 175 14.68 10.14 1.31
N TRP A 176 13.54 10.67 1.78
CA TRP A 176 12.31 10.62 0.97
C TRP A 176 12.54 11.28 -0.39
N PRO A 177 13.18 12.46 -0.52
CA PRO A 177 13.39 13.02 -1.86
C PRO A 177 14.13 12.08 -2.83
N LYS A 178 15.21 11.45 -2.38
CA LYS A 178 16.00 10.51 -3.22
C LYS A 178 15.11 9.33 -3.60
N SER A 179 14.35 8.82 -2.65
CA SER A 179 13.42 7.68 -2.87
C SER A 179 12.38 8.08 -3.93
N ALA A 180 11.82 9.30 -3.85
CA ALA A 180 10.74 9.77 -4.74
C ALA A 180 11.32 10.01 -6.14
N LYS A 181 12.56 10.45 -6.23
CA LYS A 181 13.27 10.62 -7.54
C LYS A 181 13.38 9.26 -8.23
N LEU A 182 13.79 8.24 -7.48
CA LEU A 182 13.92 6.85 -8.01
C LEU A 182 12.54 6.35 -8.46
N LEU A 183 11.50 6.48 -7.65
CA LEU A 183 10.15 5.99 -8.06
C LEU A 183 9.73 6.73 -9.34
N LYS A 184 9.97 8.03 -9.40
CA LYS A 184 9.49 8.89 -10.51
C LYS A 184 10.17 8.40 -11.79
N SER A 185 11.46 8.08 -11.69
CA SER A 185 12.30 7.64 -12.84
C SER A 185 11.81 6.27 -13.33
N LYS A 186 11.29 5.43 -12.44
CA LYS A 186 10.95 4.02 -12.75
C LYS A 186 9.52 3.89 -13.33
N TYR A 187 8.57 4.75 -12.95
CA TYR A 187 7.13 4.49 -13.24
C TYR A 187 6.46 5.70 -13.91
N GLY A 188 7.21 6.47 -14.70
CA GLY A 188 6.66 7.50 -15.61
C GLY A 188 5.59 6.91 -16.51
N LYS A 189 5.70 5.62 -16.84
CA LYS A 189 4.77 4.94 -17.79
C LYS A 189 3.44 4.63 -17.09
N ALA A 190 3.35 4.77 -15.76
CA ALA A 190 2.08 4.51 -15.05
C ALA A 190 0.91 5.25 -15.71
N LYS A 191 -0.17 4.54 -16.02
CA LYS A 191 -1.48 5.13 -16.44
C LYS A 191 -2.26 5.61 -15.23
N LEU A 192 -2.32 4.79 -14.18
CA LEU A 192 -3.04 5.12 -12.93
C LEU A 192 -2.03 4.98 -11.79
N VAL A 193 -2.05 5.95 -10.89
CA VAL A 193 -1.30 5.92 -9.61
C VAL A 193 -2.33 6.01 -8.49
N VAL A 194 -2.31 5.03 -7.60
CA VAL A 194 -3.35 4.89 -6.54
C VAL A 194 -2.65 5.19 -5.23
N PRO A 195 -2.87 6.39 -4.64
CA PRO A 195 -2.38 6.68 -3.30
C PRO A 195 -3.27 6.04 -2.23
N SER A 196 -2.72 5.90 -1.03
CA SER A 196 -3.47 5.40 0.14
C SER A 196 -4.65 6.33 0.47
N HIS A 197 -4.41 7.64 0.47
CA HIS A 197 -5.27 8.57 1.25
C HIS A 197 -5.78 9.72 0.39
N SER A 198 -5.66 9.63 -0.92
CA SER A 198 -6.28 10.62 -1.83
C SER A 198 -6.68 9.95 -3.13
N GLU A 199 -7.27 10.72 -4.05
CA GLU A 199 -7.94 10.14 -5.23
C GLU A 199 -6.89 9.54 -6.17
N VAL A 200 -7.33 8.56 -6.92
CA VAL A 200 -6.54 7.97 -8.02
C VAL A 200 -6.16 9.10 -8.97
N GLY A 201 -4.91 9.09 -9.45
CA GLY A 201 -4.45 10.02 -10.49
C GLY A 201 -3.52 9.33 -11.47
N ASP A 202 -2.67 10.10 -12.13
CA ASP A 202 -1.76 9.59 -13.18
C ASP A 202 -0.32 9.82 -12.72
N ALA A 203 0.65 9.63 -13.63
CA ALA A 203 2.10 9.64 -13.34
C ALA A 203 2.54 10.97 -12.70
N SER A 204 1.73 12.03 -12.87
CA SER A 204 2.00 13.37 -12.29
C SER A 204 2.09 13.27 -10.77
N LEU A 205 1.40 12.29 -10.16
CA LEU A 205 1.41 12.13 -8.68
C LEU A 205 2.84 11.79 -8.22
N LEU A 206 3.68 11.23 -9.09
CA LEU A 206 5.09 10.89 -8.73
C LEU A 206 5.90 12.19 -8.59
N LYS A 207 5.67 13.14 -9.50
CA LYS A 207 6.36 14.45 -9.46
C LYS A 207 5.85 15.27 -8.26
N LEU A 208 4.54 15.27 -8.02
CA LEU A 208 3.95 16.03 -6.89
C LEU A 208 4.50 15.47 -5.58
N THR A 209 4.62 14.15 -5.46
CA THR A 209 5.17 13.48 -4.25
C THR A 209 6.61 13.96 -4.02
N LEU A 210 7.41 13.97 -5.08
CA LEU A 210 8.81 14.46 -5.01
C LEU A 210 8.81 15.90 -4.49
N GLU A 211 7.94 16.77 -5.02
CA GLU A 211 7.88 18.18 -4.55
CA GLU A 211 7.83 18.19 -4.56
C GLU A 211 7.54 18.24 -3.06
N GLN A 212 6.60 17.42 -2.59
CA GLN A 212 6.22 17.43 -1.16
C GLN A 212 7.38 16.90 -0.32
N ALA A 213 8.10 15.88 -0.77
CA ALA A 213 9.22 15.30 0.02
C ALA A 213 10.32 16.38 0.16
N VAL A 214 10.62 17.08 -0.92
CA VAL A 214 11.65 18.14 -0.91
C VAL A 214 11.22 19.23 0.09
N LYS A 215 9.95 19.63 0.06
CA LYS A 215 9.48 20.71 0.97
C LYS A 215 9.50 20.17 2.41
N GLY A 216 9.08 18.93 2.63
CA GLY A 216 9.13 18.33 3.98
C GLY A 216 10.53 18.34 4.56
N LEU A 217 11.54 17.98 3.77
CA LEU A 217 12.94 17.94 4.23
C LEU A 217 13.34 19.36 4.59
N ASN A 218 12.98 20.33 3.75
CA ASN A 218 13.27 21.76 4.06
C ASN A 218 12.65 22.15 5.40
N GLU A 219 11.40 21.79 5.63
CA GLU A 219 10.66 22.18 6.86
C GLU A 219 11.33 21.57 8.09
N SER A 220 11.90 20.37 7.95
CA SER A 220 12.52 19.58 9.05
C SER A 220 13.81 20.26 9.50
N LYS A 221 14.36 21.17 8.68
CA LYS A 221 15.68 21.81 8.97
C LYS A 221 15.45 23.14 9.69
N LYS A 222 14.20 23.57 9.82
CA LYS A 222 13.84 24.77 10.62
C LYS A 222 13.78 24.43 12.10
N PRO A 223 14.30 25.31 12.99
CA PRO A 223 14.29 25.09 14.43
C PRO A 223 13.12 24.25 14.96
#